data_2BZG
#
_entry.id   2BZG
#
_cell.length_a   85.486
_cell.length_b   85.486
_cell.length_c   69.362
_cell.angle_alpha   90.00
_cell.angle_beta   90.00
_cell.angle_gamma   90.00
#
_symmetry.space_group_name_H-M   'P 42 21 2'
#
loop_
_entity.id
_entity.type
_entity.pdbx_description
1 polymer 'THIOPURINE S-METHYLTRANSFERASE'
2 non-polymer S-ADENOSYL-L-HOMOCYSTEINE
3 non-polymer 2-[3-(2-HYDROXY-1,1-DIHYDROXYMETHYL-ETHYLAMINO)-PROPYLAMINO]-2-HYDROXYMETHYL-PROPANE-1,3-DIOL
4 water water
#
_entity_poly.entity_id   1
_entity_poly.type   'polypeptide(L)'
_entity_poly.pdbx_seq_one_letter_code
;GSTEVQKNQVLTLEEWQDKWVNGKTAFHQEQGHQLLKKHLDTFLKGKSGLRVFFPLCGKAVE(MSE)KWFADRGHSVVGV
EISELGIQEFFTEQNLSYSEEPITEIPGTKVFKSSSGNISLYCCSIFDLPRTNIGKFD(MSE)IWDRGALVAINPGDRKC
YADT(MSE)FSLLGKKFQYLLCVLSYDPTKHPGPPFYVPHAEIERLFGKICNIRCLEKVDAFEERHKSWGIDCLFEKLYL
LTEK
;
_entity_poly.pdbx_strand_id   A
#
loop_
_chem_comp.id
_chem_comp.type
_chem_comp.name
_chem_comp.formula
B3P non-polymer 2-[3-(2-HYDROXY-1,1-DIHYDROXYMETHYL-ETHYLAMINO)-PROPYLAMINO]-2-HYDROXYMETHYL-PROPANE-1,3-DIOL 'C11 H26 N2 O6'
SAH non-polymer S-ADENOSYL-L-HOMOCYSTEINE 'C14 H20 N6 O5 S'
#
# COMPACT_ATOMS: atom_id res chain seq x y z
N GLU A 4 -18.15 -13.01 0.17
CA GLU A 4 -19.11 -12.99 1.32
C GLU A 4 -18.49 -13.38 2.68
N VAL A 5 -17.55 -14.33 2.66
CA VAL A 5 -17.00 -14.91 3.89
C VAL A 5 -16.42 -13.91 4.91
N GLN A 6 -15.57 -12.99 4.43
CA GLN A 6 -14.88 -12.05 5.32
C GLN A 6 -15.57 -10.69 5.36
N LYS A 7 -16.76 -10.62 4.78
CA LYS A 7 -17.38 -9.33 4.48
C LYS A 7 -17.62 -8.43 5.68
N ASN A 8 -17.83 -9.05 6.84
CA ASN A 8 -18.19 -8.28 8.03
C ASN A 8 -17.00 -7.99 8.97
N GLN A 9 -15.79 -8.30 8.51
CA GLN A 9 -14.60 -8.01 9.32
C GLN A 9 -14.35 -6.51 9.37
N VAL A 10 -14.28 -5.97 10.59
CA VAL A 10 -14.06 -4.54 10.80
C VAL A 10 -12.96 -4.32 11.82
N LEU A 11 -11.74 -4.04 11.32
CA LEU A 11 -10.60 -3.71 12.17
C LEU A 11 -10.58 -2.23 12.46
N THR A 12 -10.03 -1.88 13.63
CA THR A 12 -9.93 -0.49 14.04
C THR A 12 -8.54 0.06 13.83
N LEU A 13 -8.44 1.39 13.74
CA LEU A 13 -7.13 2.02 13.61
C LEU A 13 -6.24 1.75 14.84
N GLU A 14 -6.85 1.69 16.02
CA GLU A 14 -6.15 1.42 17.26
C GLU A 14 -5.53 0.02 17.24
N GLU A 15 -6.27 -0.96 16.72
CA GLU A 15 -5.75 -2.32 16.54
C GLU A 15 -4.50 -2.35 15.67
N TRP A 16 -4.54 -1.63 14.54
CA TRP A 16 -3.35 -1.50 13.71
C TRP A 16 -2.19 -0.81 14.43
N GLN A 17 -2.47 0.30 15.11
CA GLN A 17 -1.41 1.01 15.83
C GLN A 17 -0.80 0.11 16.92
N ASP A 18 -1.65 -0.66 17.60
CA ASP A 18 -1.20 -1.61 18.62
C ASP A 18 -0.25 -2.65 18.07
N LYS A 19 -0.54 -3.16 16.87
CA LYS A 19 0.38 -4.09 16.20
C LYS A 19 1.79 -3.51 16.14
N TRP A 20 1.91 -2.23 15.74
CA TRP A 20 3.19 -1.57 15.69
C TRP A 20 3.86 -1.46 17.08
N VAL A 21 3.09 -0.97 18.06
CA VAL A 21 3.58 -0.88 19.44
C VAL A 21 4.09 -2.26 19.93
N ASN A 22 3.36 -3.31 19.57
CA ASN A 22 3.68 -4.66 20.05
C ASN A 22 4.70 -5.44 19.21
N GLY A 23 5.16 -4.86 18.09
CA GLY A 23 6.15 -5.54 17.24
C GLY A 23 5.56 -6.67 16.39
N LYS A 24 4.24 -6.66 16.24
CA LYS A 24 3.55 -7.68 15.45
C LYS A 24 3.40 -7.17 14.02
N THR A 25 4.51 -7.16 13.30
CA THR A 25 4.61 -6.54 11.98
C THR A 25 5.23 -7.51 10.95
N ALA A 26 4.85 -8.78 11.03
CA ALA A 26 5.41 -9.84 10.17
C ALA A 26 5.11 -9.67 8.67
N PHE A 27 4.14 -8.83 8.34
CA PHE A 27 3.90 -8.45 6.92
C PHE A 27 5.07 -7.73 6.29
N HIS A 28 5.91 -7.14 7.13
CA HIS A 28 7.01 -6.32 6.63
C HIS A 28 8.10 -7.16 6.00
N GLN A 29 8.53 -6.77 4.81
CA GLN A 29 9.56 -7.49 4.04
C GLN A 29 10.85 -6.68 3.97
N GLU A 30 11.80 -7.05 4.83
CA GLU A 30 13.07 -6.30 4.98
C GLU A 30 13.87 -6.17 3.69
N GLN A 31 13.82 -7.22 2.85
CA GLN A 31 14.56 -7.23 1.59
C GLN A 31 13.74 -6.65 0.45
N GLY A 32 12.48 -6.35 0.76
CA GLY A 32 11.61 -5.71 -0.21
C GLY A 32 10.92 -6.69 -1.13
N HIS A 33 9.95 -6.15 -1.87
CA HIS A 33 9.08 -6.99 -2.68
C HIS A 33 9.78 -7.54 -3.90
N GLN A 34 9.81 -8.88 -4.03
CA GLN A 34 10.60 -9.49 -5.09
C GLN A 34 9.96 -9.42 -6.47
N LEU A 35 8.63 -9.35 -6.55
CA LEU A 35 7.99 -9.13 -7.86
C LEU A 35 8.23 -7.69 -8.34
N LEU A 36 8.17 -6.74 -7.43
CA LEU A 36 8.46 -5.37 -7.84
C LEU A 36 9.90 -5.27 -8.27
N LYS A 37 10.81 -5.91 -7.52
CA LYS A 37 12.22 -5.87 -7.87
C LYS A 37 12.43 -6.38 -9.31
N LYS A 38 11.80 -7.50 -9.63
CA LYS A 38 11.87 -8.05 -10.97
C LYS A 38 11.41 -7.09 -12.07
N HIS A 39 10.28 -6.41 -11.86
CA HIS A 39 9.66 -5.60 -12.92
C HIS A 39 9.97 -4.10 -12.85
N LEU A 40 10.75 -3.69 -11.84
CA LEU A 40 10.93 -2.26 -11.57
C LEU A 40 11.42 -1.47 -12.78
N ASP A 41 12.46 -1.97 -13.45
CA ASP A 41 13.00 -1.27 -14.61
C ASP A 41 11.99 -1.12 -15.74
N THR A 42 11.19 -2.18 -15.98
CA THR A 42 10.16 -2.15 -17.02
C THR A 42 9.15 -1.06 -16.67
N PHE A 43 8.68 -1.08 -15.42
CA PHE A 43 7.71 -0.07 -14.99
C PHE A 43 8.24 1.36 -15.13
N LEU A 44 9.53 1.55 -14.89
CA LEU A 44 10.11 2.90 -14.88
C LEU A 44 10.76 3.30 -16.21
N LYS A 45 10.73 2.39 -17.17
CA LYS A 45 11.36 2.65 -18.48
C LYS A 45 10.84 3.93 -19.14
N GLY A 46 11.78 4.84 -19.41
CA GLY A 46 11.47 6.10 -20.09
C GLY A 46 10.88 7.16 -19.17
N LYS A 47 10.78 6.83 -17.88
CA LYS A 47 10.13 7.70 -16.88
C LYS A 47 11.13 8.50 -16.03
N SER A 48 10.80 9.75 -15.76
CA SER A 48 11.64 10.64 -14.99
C SER A 48 10.83 11.52 -14.03
N GLY A 49 11.25 11.58 -12.78
CA GLY A 49 10.57 12.41 -11.78
C GLY A 49 9.07 12.16 -11.64
N LEU A 50 8.67 10.89 -11.52
CA LEU A 50 7.25 10.58 -11.28
C LEU A 50 6.89 10.87 -9.83
N ARG A 51 5.60 11.06 -9.57
CA ARG A 51 5.07 11.10 -8.22
C ARG A 51 4.46 9.73 -7.98
N VAL A 52 4.88 9.07 -6.90
CA VAL A 52 4.49 7.68 -6.61
C VAL A 52 3.82 7.65 -5.23
N PHE A 53 2.62 7.04 -5.15
CA PHE A 53 1.90 6.95 -3.89
C PHE A 53 1.92 5.52 -3.32
N PHE A 54 2.13 5.43 -2.00
CA PHE A 54 2.12 4.14 -1.26
C PHE A 54 1.00 4.18 -0.22
N PRO A 55 -0.18 3.65 -0.55
CA PRO A 55 -1.24 3.58 0.47
C PRO A 55 -0.84 2.62 1.60
N LEU A 56 -1.19 2.95 2.85
CA LEU A 56 -1.02 2.02 3.99
C LEU A 56 0.44 1.53 3.97
N CYS A 57 1.35 2.48 3.96
CA CYS A 57 2.74 2.18 3.59
C CYS A 57 3.61 1.50 4.65
N GLY A 58 3.18 1.50 5.92
CA GLY A 58 4.04 0.94 6.99
C GLY A 58 5.42 1.58 6.88
N LYS A 59 6.46 0.73 6.88
CA LYS A 59 7.85 1.19 6.66
C LYS A 59 8.48 0.56 5.40
N ALA A 60 7.62 0.45 4.37
CA ALA A 60 7.92 -0.24 3.10
C ALA A 60 9.28 0.22 2.56
N VAL A 61 10.23 -0.71 2.47
CA VAL A 61 11.56 -0.32 2.01
C VAL A 61 11.57 0.17 0.57
N GLU A 62 10.54 -0.21 -0.19
CA GLU A 62 10.48 0.10 -1.61
C GLU A 62 10.26 1.58 -1.85
N MSE A 63 9.81 2.31 -0.81
CA MSE A 63 9.74 3.78 -0.96
C MSE A 63 11.10 4.38 -1.27
O MSE A 63 11.21 5.27 -2.09
CB MSE A 63 9.13 4.44 0.28
CG MSE A 63 7.70 4.02 0.48
SE MSE A 63 6.67 5.05 1.76
CE MSE A 63 7.39 4.28 3.42
N LYS A 64 12.14 3.84 -0.64
CA LYS A 64 13.48 4.33 -0.90
C LYS A 64 13.96 3.93 -2.30
N TRP A 65 13.46 2.80 -2.82
CA TRP A 65 13.84 2.39 -4.19
C TRP A 65 13.45 3.45 -5.19
N PHE A 66 12.23 3.98 -5.03
CA PHE A 66 11.76 5.00 -5.93
C PHE A 66 12.43 6.36 -5.73
N ALA A 67 12.59 6.77 -4.47
CA ALA A 67 13.30 8.03 -4.14
C ALA A 67 14.74 8.02 -4.65
N ASP A 68 15.40 6.89 -4.52
CA ASP A 68 16.81 6.74 -4.97
C ASP A 68 16.91 6.89 -6.48
N ARG A 69 15.82 6.62 -7.19
CA ARG A 69 15.77 6.70 -8.65
C ARG A 69 15.21 8.02 -9.17
N GLY A 70 15.04 8.98 -8.26
CA GLY A 70 14.68 10.34 -8.64
C GLY A 70 13.21 10.70 -8.66
N HIS A 71 12.37 9.79 -8.16
CA HIS A 71 10.93 9.99 -8.10
C HIS A 71 10.53 10.49 -6.71
N SER A 72 9.43 11.21 -6.62
CA SER A 72 8.98 11.71 -5.32
C SER A 72 7.89 10.79 -4.82
N VAL A 73 8.01 10.43 -3.54
CA VAL A 73 7.20 9.39 -2.92
C VAL A 73 6.33 10.01 -1.82
N VAL A 74 5.05 9.65 -1.79
CA VAL A 74 4.16 10.02 -0.68
C VAL A 74 3.55 8.72 -0.19
N GLY A 75 3.52 8.55 1.13
CA GLY A 75 2.86 7.40 1.73
C GLY A 75 1.84 7.86 2.75
N VAL A 76 0.90 6.99 3.10
CA VAL A 76 -0.02 7.28 4.21
C VAL A 76 0.00 6.07 5.13
N GLU A 77 0.17 6.37 6.41
CA GLU A 77 0.31 5.32 7.43
C GLU A 77 -0.23 5.84 8.77
N ILE A 78 -1.18 5.11 9.35
CA ILE A 78 -1.80 5.56 10.62
C ILE A 78 -0.82 5.52 11.81
N SER A 79 0.17 4.62 11.77
CA SER A 79 1.11 4.46 12.90
C SER A 79 2.30 5.41 12.81
N GLU A 80 2.35 6.34 13.75
CA GLU A 80 3.51 7.20 13.90
C GLU A 80 4.77 6.38 14.19
N LEU A 81 4.62 5.29 14.94
CA LEU A 81 5.77 4.40 15.24
C LEU A 81 6.36 3.78 13.97
N GLY A 82 5.50 3.29 13.08
CA GLY A 82 5.95 2.70 11.82
C GLY A 82 6.69 3.73 10.97
N ILE A 83 6.12 4.93 10.87
CA ILE A 83 6.76 6.03 10.14
C ILE A 83 8.15 6.35 10.70
N GLN A 84 8.24 6.43 12.01
CA GLN A 84 9.53 6.67 12.67
C GLN A 84 10.50 5.56 12.40
N GLU A 85 10.03 4.31 12.44
CA GLU A 85 10.87 3.17 12.12
C GLU A 85 11.38 3.25 10.69
N PHE A 86 10.56 3.70 9.75
CA PHE A 86 11.03 3.89 8.37
C PHE A 86 12.24 4.81 8.28
N PHE A 87 12.13 6.00 8.88
CA PHE A 87 13.19 6.98 8.80
C PHE A 87 14.43 6.48 9.52
N THR A 88 14.22 5.84 10.68
CA THR A 88 15.34 5.27 11.42
C THR A 88 16.06 4.19 10.60
N GLU A 89 15.30 3.29 10.01
CA GLU A 89 15.89 2.15 9.31
C GLU A 89 16.57 2.54 7.99
N GLN A 90 16.02 3.55 7.32
CA GLN A 90 16.58 4.04 6.06
C GLN A 90 17.66 5.10 6.26
N ASN A 91 17.95 5.38 7.53
CA ASN A 91 18.92 6.41 7.92
C ASN A 91 18.62 7.75 7.24
N LEU A 92 17.37 8.20 7.38
CA LEU A 92 16.98 9.48 6.78
C LEU A 92 16.51 10.43 7.88
N SER A 93 17.06 11.65 7.89
CA SER A 93 16.54 12.69 8.77
C SER A 93 15.21 13.21 8.20
N TYR A 94 14.38 13.74 9.09
CA TYR A 94 13.10 14.28 8.70
C TYR A 94 12.66 15.39 9.65
N SER A 95 11.58 16.07 9.29
CA SER A 95 10.97 17.06 10.16
C SER A 95 9.47 16.93 9.96
N GLU A 96 8.70 17.66 10.75
CA GLU A 96 7.25 17.44 10.80
C GLU A 96 6.51 18.72 10.47
N GLU A 97 5.31 18.57 9.91
CA GLU A 97 4.34 19.67 9.75
C GLU A 97 2.95 19.16 10.09
N PRO A 98 2.03 20.07 10.43
CA PRO A 98 0.66 19.63 10.61
C PRO A 98 -0.01 19.30 9.28
N ILE A 99 -0.95 18.36 9.31
CA ILE A 99 -1.91 18.25 8.24
C ILE A 99 -3.09 19.12 8.67
N THR A 100 -3.13 20.34 8.15
CA THR A 100 -4.02 21.36 8.72
C THR A 100 -5.49 20.98 8.61
N GLU A 101 -5.82 20.19 7.59
CA GLU A 101 -7.20 19.81 7.32
C GLU A 101 -7.76 18.79 8.30
N ILE A 102 -6.85 18.08 8.97
CA ILE A 102 -7.19 16.96 9.85
C ILE A 102 -6.51 17.21 11.19
N PRO A 103 -7.18 18.00 12.07
CA PRO A 103 -6.54 18.41 13.33
C PRO A 103 -5.98 17.22 14.10
N GLY A 104 -4.77 17.43 14.65
CA GLY A 104 -4.15 16.41 15.49
C GLY A 104 -3.20 15.46 14.78
N THR A 105 -3.10 15.62 13.45
CA THR A 105 -2.25 14.75 12.62
C THR A 105 -1.10 15.55 12.00
N LYS A 106 -0.09 14.81 11.54
CA LYS A 106 1.16 15.39 11.03
C LYS A 106 1.60 14.65 9.79
N VAL A 107 2.29 15.38 8.93
CA VAL A 107 3.05 14.80 7.82
C VAL A 107 4.55 14.84 8.15
N PHE A 108 5.22 13.72 7.89
CA PHE A 108 6.64 13.57 8.16
C PHE A 108 7.39 13.69 6.85
N LYS A 109 8.29 14.68 6.76
CA LYS A 109 8.96 15.00 5.50
C LYS A 109 10.45 14.73 5.60
N SER A 110 10.92 13.85 4.72
CA SER A 110 12.36 13.58 4.66
C SER A 110 13.09 14.88 4.40
N SER A 111 14.23 15.07 5.05
CA SER A 111 15.05 16.26 4.79
C SER A 111 15.46 16.35 3.31
N SER A 112 15.63 15.19 2.66
CA SER A 112 15.98 15.11 1.23
C SER A 112 14.93 15.72 0.31
N GLY A 113 13.70 15.86 0.81
CA GLY A 113 12.65 16.46 0.03
C GLY A 113 11.93 15.47 -0.86
N ASN A 114 12.28 14.18 -0.78
CA ASN A 114 11.77 13.19 -1.75
C ASN A 114 10.71 12.25 -1.20
N ILE A 115 10.54 12.23 0.12
CA ILE A 115 9.58 11.31 0.76
C ILE A 115 8.76 12.04 1.82
N SER A 116 7.44 11.99 1.70
CA SER A 116 6.51 12.58 2.69
C SER A 116 5.54 11.51 3.13
N LEU A 117 5.47 11.26 4.44
CA LEU A 117 4.56 10.26 4.98
C LEU A 117 3.49 10.91 5.82
N TYR A 118 2.25 10.79 5.36
CA TYR A 118 1.11 11.36 6.05
C TYR A 118 0.71 10.42 7.17
N CYS A 119 0.66 10.92 8.40
CA CYS A 119 0.31 10.06 9.53
C CYS A 119 -1.16 10.29 9.89
N CYS A 120 -2.03 9.67 9.10
CA CYS A 120 -3.48 9.80 9.23
C CYS A 120 -4.11 8.61 8.52
N SER A 121 -5.44 8.59 8.45
CA SER A 121 -6.09 7.50 7.74
C SER A 121 -6.07 7.75 6.23
N ILE A 122 -6.03 6.67 5.44
CA ILE A 122 -6.18 6.83 3.99
C ILE A 122 -7.52 7.55 3.67
N PHE A 123 -8.52 7.33 4.52
CA PHE A 123 -9.87 7.92 4.26
C PHE A 123 -9.94 9.43 4.57
N ASP A 124 -8.90 9.96 5.20
CA ASP A 124 -8.76 11.41 5.42
C ASP A 124 -8.28 12.14 4.16
N LEU A 125 -7.66 11.40 3.24
CA LEU A 125 -6.94 12.06 2.15
C LEU A 125 -7.75 12.92 1.18
N PRO A 126 -8.99 12.54 0.86
CA PRO A 126 -9.82 13.40 -0.01
C PRO A 126 -10.09 14.82 0.51
N ARG A 127 -9.91 15.04 1.80
CA ARG A 127 -10.04 16.38 2.38
C ARG A 127 -8.71 17.15 2.42
N THR A 128 -7.63 16.54 1.93
CA THR A 128 -6.32 17.21 1.82
C THR A 128 -6.00 17.61 0.38
N ASN A 129 -4.88 18.33 0.22
CA ASN A 129 -4.36 18.72 -1.09
C ASN A 129 -3.16 17.83 -1.45
N ILE A 130 -3.26 16.55 -1.15
CA ILE A 130 -2.22 15.59 -1.49
C ILE A 130 -1.97 15.54 -3.02
N GLY A 131 -2.99 15.85 -3.81
CA GLY A 131 -2.81 15.94 -5.26
C GLY A 131 -2.87 14.62 -6.00
N LYS A 132 -2.21 14.59 -7.15
CA LYS A 132 -2.28 13.53 -8.16
C LYS A 132 -0.97 12.76 -8.30
N PHE A 133 -1.08 11.49 -8.68
CA PHE A 133 0.12 10.65 -8.82
C PHE A 133 0.20 9.93 -10.16
N ASP A 134 1.43 9.69 -10.62
CA ASP A 134 1.68 8.93 -11.85
C ASP A 134 1.58 7.43 -11.62
N MSE A 135 1.92 7.01 -10.40
CA MSE A 135 2.08 5.60 -10.10
C MSE A 135 1.60 5.34 -8.67
O MSE A 135 1.77 6.19 -7.80
CB MSE A 135 3.56 5.22 -10.23
CG MSE A 135 3.86 3.74 -10.04
SE MSE A 135 5.72 3.34 -10.39
CE MSE A 135 5.59 3.08 -12.28
N ILE A 136 1.00 4.17 -8.44
CA ILE A 136 0.69 3.70 -7.09
C ILE A 136 1.35 2.34 -6.89
N TRP A 137 1.97 2.14 -5.72
CA TRP A 137 2.39 0.81 -5.30
C TRP A 137 1.48 0.42 -4.15
N ASP A 138 0.72 -0.65 -4.36
CA ASP A 138 -0.34 -1.09 -3.43
C ASP A 138 -0.03 -2.55 -3.02
N ARG A 139 0.55 -2.75 -1.84
CA ARG A 139 0.88 -4.08 -1.34
C ARG A 139 0.65 -4.08 0.15
N GLY A 140 -0.07 -5.08 0.65
CA GLY A 140 -0.57 -5.04 2.02
C GLY A 140 -1.42 -3.81 2.31
N ALA A 141 -2.10 -3.30 1.29
CA ALA A 141 -2.91 -2.08 1.43
C ALA A 141 -4.36 -2.38 1.06
N LEU A 142 -4.66 -2.55 -0.24
CA LEU A 142 -6.00 -2.99 -0.61
C LEU A 142 -6.38 -4.24 0.23
N VAL A 143 -5.42 -5.13 0.43
CA VAL A 143 -5.70 -6.36 1.18
C VAL A 143 -5.79 -6.15 2.68
N ALA A 144 -5.37 -4.99 3.16
CA ALA A 144 -5.41 -4.70 4.61
C ALA A 144 -6.66 -3.95 5.05
N ILE A 145 -7.29 -3.26 4.09
CA ILE A 145 -8.51 -2.51 4.27
C ILE A 145 -9.69 -3.41 4.69
N ASN A 146 -10.52 -2.94 5.61
CA ASN A 146 -11.76 -3.65 5.93
C ASN A 146 -12.54 -3.97 4.67
N PRO A 147 -12.98 -5.25 4.48
CA PRO A 147 -13.64 -5.58 3.23
C PRO A 147 -14.77 -4.63 2.78
N GLY A 148 -15.60 -4.19 3.72
CA GLY A 148 -16.67 -3.24 3.43
C GLY A 148 -16.21 -1.87 2.94
N ASP A 149 -14.96 -1.54 3.27
CA ASP A 149 -14.35 -0.25 2.90
C ASP A 149 -13.73 -0.24 1.49
N ARG A 150 -13.73 -1.37 0.81
CA ARG A 150 -12.96 -1.48 -0.46
C ARG A 150 -13.44 -0.53 -1.53
N LYS A 151 -14.76 -0.36 -1.67
CA LYS A 151 -15.24 0.53 -2.72
C LYS A 151 -14.81 1.96 -2.44
N CYS A 152 -14.99 2.39 -1.19
CA CYS A 152 -14.57 3.74 -0.80
C CYS A 152 -13.07 3.89 -1.04
N TYR A 153 -12.30 2.87 -0.66
CA TYR A 153 -10.85 2.87 -0.93
C TYR A 153 -10.51 3.01 -2.41
N ALA A 154 -11.20 2.23 -3.24
CA ALA A 154 -11.01 2.26 -4.68
C ALA A 154 -11.31 3.63 -5.24
N ASP A 155 -12.45 4.21 -4.83
CA ASP A 155 -12.80 5.56 -5.25
C ASP A 155 -11.76 6.58 -4.79
N THR A 156 -11.21 6.38 -3.59
CA THR A 156 -10.17 7.28 -3.07
C THR A 156 -8.91 7.18 -3.95
N MSE A 157 -8.56 5.95 -4.33
CA MSE A 157 -7.44 5.75 -5.25
C MSE A 157 -7.63 6.47 -6.58
O MSE A 157 -6.72 7.14 -7.07
CB MSE A 157 -7.25 4.26 -5.46
CG MSE A 157 -7.02 3.55 -4.16
SE MSE A 157 -5.17 3.71 -3.68
CE MSE A 157 -5.08 4.65 -2.90
N PHE A 158 -8.81 6.35 -7.17
CA PHE A 158 -9.11 7.05 -8.41
C PHE A 158 -8.99 8.56 -8.29
N SER A 159 -9.32 9.09 -7.11
CA SER A 159 -9.26 10.53 -6.88
C SER A 159 -7.80 11.02 -6.86
N LEU A 160 -6.88 10.09 -6.65
CA LEU A 160 -5.45 10.42 -6.54
C LEU A 160 -4.70 10.22 -7.84
N LEU A 161 -5.35 9.67 -8.86
CA LEU A 161 -4.66 9.32 -10.08
C LEU A 161 -4.71 10.36 -11.16
N GLY A 162 -3.57 10.57 -11.81
CA GLY A 162 -3.50 11.38 -13.01
C GLY A 162 -4.24 10.73 -14.16
N LYS A 163 -4.37 11.45 -15.28
CA LYS A 163 -5.07 10.98 -16.46
C LYS A 163 -4.46 9.69 -17.02
N LYS A 164 -3.13 9.62 -16.99
CA LYS A 164 -2.38 8.42 -17.32
C LYS A 164 -1.63 7.97 -16.07
N PHE A 165 -1.67 6.67 -15.82
CA PHE A 165 -1.15 6.14 -14.58
C PHE A 165 -0.79 4.67 -14.73
N GLN A 166 0.08 4.22 -13.82
CA GLN A 166 0.34 2.79 -13.62
C GLN A 166 0.05 2.51 -12.15
N TYR A 167 -0.97 1.71 -11.93
CA TYR A 167 -1.35 1.27 -10.59
C TYR A 167 -0.89 -0.18 -10.44
N LEU A 168 0.11 -0.37 -9.57
CA LEU A 168 0.72 -1.67 -9.33
C LEU A 168 0.05 -2.22 -8.09
N LEU A 169 -0.53 -3.41 -8.22
CA LEU A 169 -1.34 -3.97 -7.15
C LEU A 169 -1.00 -5.42 -6.86
N CYS A 170 -0.70 -5.68 -5.59
CA CYS A 170 -0.42 -7.03 -5.11
C CYS A 170 -1.59 -7.55 -4.30
N VAL A 171 -2.09 -8.73 -4.67
CA VAL A 171 -3.13 -9.38 -3.85
C VAL A 171 -2.73 -10.80 -3.52
N LEU A 172 -3.39 -11.35 -2.49
CA LEU A 172 -3.10 -12.68 -2.00
C LEU A 172 -4.25 -13.63 -2.24
N SER A 173 -3.91 -14.85 -2.66
CA SER A 173 -4.90 -15.86 -2.97
C SER A 173 -4.76 -16.98 -1.96
N TYR A 174 -5.82 -17.17 -1.20
CA TYR A 174 -5.90 -18.24 -0.22
C TYR A 174 -7.37 -18.51 0.04
N ASP A 175 -7.64 -19.59 0.77
CA ASP A 175 -9.00 -20.00 1.01
C ASP A 175 -9.55 -19.15 2.18
N PRO A 176 -10.53 -18.27 1.89
CA PRO A 176 -10.96 -17.29 2.90
C PRO A 176 -11.75 -17.90 4.06
N THR A 177 -12.10 -19.18 3.97
CA THR A 177 -12.81 -19.83 5.07
C THR A 177 -11.82 -20.32 6.14
N LYS A 178 -10.52 -20.29 5.82
CA LYS A 178 -9.50 -20.80 6.73
C LYS A 178 -8.85 -19.72 7.59
N HIS A 179 -8.85 -18.49 7.07
CA HIS A 179 -8.27 -17.33 7.76
C HIS A 179 -9.20 -16.14 7.51
N PRO A 180 -9.62 -15.43 8.59
CA PRO A 180 -10.57 -14.34 8.42
C PRO A 180 -9.94 -13.04 7.93
N GLY A 181 -8.60 -13.05 7.77
CA GLY A 181 -7.86 -11.80 7.50
C GLY A 181 -7.59 -11.07 8.82
N PRO A 182 -6.77 -10.01 8.76
CA PRO A 182 -6.02 -9.56 7.59
C PRO A 182 -4.74 -10.40 7.36
N PRO A 183 -4.16 -10.33 6.16
CA PRO A 183 -4.68 -9.63 5.00
C PRO A 183 -5.91 -10.37 4.50
N PHE A 184 -6.81 -9.63 3.88
CA PHE A 184 -8.05 -10.15 3.39
C PHE A 184 -7.89 -10.69 1.97
N TYR A 185 -8.85 -11.53 1.59
CA TYR A 185 -8.84 -12.18 0.29
C TYR A 185 -9.57 -11.29 -0.70
N VAL A 186 -8.83 -10.84 -1.72
CA VAL A 186 -9.31 -10.01 -2.82
C VAL A 186 -9.18 -10.78 -4.14
N PRO A 187 -10.27 -11.46 -4.55
CA PRO A 187 -10.19 -12.31 -5.74
C PRO A 187 -10.28 -11.46 -7.00
N HIS A 188 -9.91 -12.06 -8.13
CA HIS A 188 -9.90 -11.36 -9.39
C HIS A 188 -11.22 -10.63 -9.69
N ALA A 189 -12.33 -11.30 -9.46
CA ALA A 189 -13.64 -10.67 -9.64
C ALA A 189 -13.84 -9.37 -8.84
N GLU A 190 -13.26 -9.30 -7.64
CA GLU A 190 -13.29 -8.11 -6.78
C GLU A 190 -12.43 -6.98 -7.38
N ILE A 191 -11.25 -7.32 -7.90
CA ILE A 191 -10.46 -6.36 -8.67
C ILE A 191 -11.26 -5.82 -9.85
N GLU A 192 -11.94 -6.70 -10.58
CA GLU A 192 -12.76 -6.25 -11.69
C GLU A 192 -13.91 -5.34 -11.24
N ARG A 193 -14.58 -5.70 -10.14
CA ARG A 193 -15.66 -4.88 -9.56
C ARG A 193 -15.19 -3.47 -9.25
N LEU A 194 -14.05 -3.37 -8.57
CA LEU A 194 -13.54 -2.09 -8.10
C LEU A 194 -12.84 -1.24 -9.16
N PHE A 195 -12.12 -1.87 -10.08
CA PHE A 195 -11.21 -1.15 -11.01
C PHE A 195 -11.49 -1.32 -12.50
N GLY A 196 -12.29 -2.32 -12.85
CA GLY A 196 -12.52 -2.71 -14.24
C GLY A 196 -13.17 -1.68 -15.16
N LYS A 197 -14.04 -0.84 -14.61
CA LYS A 197 -14.69 0.17 -15.43
C LYS A 197 -13.73 1.24 -15.92
N ILE A 198 -12.72 1.56 -15.11
CA ILE A 198 -11.80 2.65 -15.42
C ILE A 198 -10.46 2.13 -15.97
N CYS A 199 -10.10 0.90 -15.60
CA CYS A 199 -8.74 0.39 -15.83
C CYS A 199 -8.66 -0.79 -16.79
N ASN A 200 -7.61 -0.82 -17.60
CA ASN A 200 -7.14 -2.01 -18.27
C ASN A 200 -6.46 -2.85 -17.19
N ILE A 201 -6.80 -4.14 -17.12
CA ILE A 201 -6.30 -5.02 -16.05
C ILE A 201 -5.35 -6.08 -16.62
N ARG A 202 -4.11 -6.10 -16.18
CA ARG A 202 -3.13 -7.13 -16.56
C ARG A 202 -2.65 -7.82 -15.30
N CYS A 203 -2.67 -9.15 -15.30
CA CYS A 203 -2.09 -9.91 -14.20
C CYS A 203 -0.74 -10.39 -14.68
N LEU A 204 0.32 -9.78 -14.17
CA LEU A 204 1.67 -10.06 -14.67
C LEU A 204 2.33 -11.28 -14.07
N GLU A 205 1.97 -11.60 -12.83
CA GLU A 205 2.61 -12.68 -12.09
C GLU A 205 1.62 -13.34 -11.16
N LYS A 206 1.82 -14.64 -10.98
CA LYS A 206 1.17 -15.38 -9.93
C LYS A 206 2.20 -16.38 -9.42
N VAL A 207 2.60 -16.22 -8.15
CA VAL A 207 3.72 -16.98 -7.59
C VAL A 207 3.39 -17.53 -6.21
N ASP A 208 4.02 -18.66 -5.87
CA ASP A 208 3.87 -19.22 -4.51
C ASP A 208 4.47 -18.24 -3.52
N ALA A 209 3.66 -17.83 -2.54
CA ALA A 209 4.09 -16.88 -1.52
C ALA A 209 4.10 -17.46 -0.12
N PHE A 210 3.83 -18.75 -0.02
CA PHE A 210 3.67 -19.40 1.29
C PHE A 210 5.00 -19.50 2.04
N GLU A 211 5.03 -18.93 3.24
CA GLU A 211 6.22 -18.97 4.11
C GLU A 211 5.85 -19.64 5.44
N GLU A 212 6.85 -19.99 6.23
CA GLU A 212 6.59 -20.69 7.50
C GLU A 212 5.59 -19.93 8.37
N ARG A 213 5.74 -18.61 8.45
CA ARG A 213 4.82 -17.77 9.22
C ARG A 213 3.33 -17.90 8.86
N HIS A 214 3.04 -18.37 7.64
CA HIS A 214 1.63 -18.46 7.20
C HIS A 214 0.85 -19.62 7.80
N LYS A 215 1.59 -20.59 8.32
CA LYS A 215 0.98 -21.66 9.12
C LYS A 215 0.11 -21.12 10.27
N SER A 216 0.50 -19.96 10.81
CA SER A 216 -0.25 -19.34 11.90
C SER A 216 -1.64 -18.82 11.49
N TRP A 217 -1.91 -18.73 10.18
CA TRP A 217 -3.24 -18.33 9.69
C TRP A 217 -4.17 -19.52 9.48
N GLY A 218 -3.64 -20.73 9.63
CA GLY A 218 -4.42 -21.94 9.38
C GLY A 218 -4.63 -22.28 7.92
N ILE A 219 -3.82 -21.68 7.04
CA ILE A 219 -3.85 -22.02 5.64
C ILE A 219 -2.61 -22.85 5.29
N ASP A 220 -2.68 -23.54 4.17
CA ASP A 220 -1.53 -24.37 3.72
C ASP A 220 -1.10 -24.10 2.28
N CYS A 221 -1.78 -23.18 1.61
CA CYS A 221 -1.33 -22.64 0.33
C CYS A 221 -1.55 -21.13 0.30
N LEU A 222 -0.61 -20.45 -0.32
CA LEU A 222 -0.74 -19.00 -0.51
C LEU A 222 -0.03 -18.62 -1.78
N PHE A 223 -0.74 -17.89 -2.63
CA PHE A 223 -0.18 -17.33 -3.86
C PHE A 223 -0.32 -15.83 -3.87
N GLU A 224 0.64 -15.18 -4.52
CA GLU A 224 0.59 -13.73 -4.68
C GLU A 224 0.47 -13.42 -6.14
N LYS A 225 -0.36 -12.44 -6.46
CA LYS A 225 -0.50 -11.95 -7.82
C LYS A 225 -0.14 -10.48 -7.91
N LEU A 226 0.57 -10.14 -8.98
CA LEU A 226 0.94 -8.75 -9.26
C LEU A 226 0.17 -8.30 -10.48
N TYR A 227 -0.62 -7.27 -10.30
CA TYR A 227 -1.40 -6.68 -11.36
C TYR A 227 -0.86 -5.32 -11.75
N LEU A 228 -1.03 -4.99 -13.02
CA LEU A 228 -0.73 -3.68 -13.53
C LEU A 228 -2.04 -3.15 -14.06
N LEU A 229 -2.51 -2.07 -13.46
CA LEU A 229 -3.74 -1.42 -13.83
C LEU A 229 -3.36 -0.08 -14.47
N THR A 230 -3.90 0.18 -15.67
CA THR A 230 -3.61 1.42 -16.36
C THR A 230 -4.90 2.00 -16.92
N GLU A 231 -4.86 3.24 -17.37
CA GLU A 231 -6.04 3.88 -17.94
C GLU A 231 -6.53 3.09 -19.17
N LYS A 232 -7.86 2.99 -19.32
CA LYS A 232 -8.47 2.41 -20.51
C LYS A 232 -7.90 3.03 -21.78
N SAH B . 2.30 -1.64 2.89
CA SAH B . 3.16 -2.01 4.04
CB SAH B . 2.33 -2.36 5.29
CG SAH B . 1.21 -3.41 5.15
SD SAH B . 0.32 -3.80 6.70
C SAH B . 4.11 -3.14 3.63
O SAH B . 4.91 -3.66 4.43
OXT SAH B . 4.07 -3.55 2.45
C5' SAH B . -0.97 -2.52 6.53
C4' SAH B . -0.61 -1.13 7.09
O4' SAH B . -1.73 -0.26 7.00
C3' SAH B . -0.19 -1.09 8.57
O3' SAH B . 1.08 -0.47 8.76
C2' SAH B . -1.34 -0.35 9.27
O2' SAH B . -0.95 0.37 10.43
C1' SAH B . -1.82 0.59 8.17
N9 SAH B . -3.25 0.96 8.17
C8 SAH B . -4.34 0.17 8.40
N7 SAH B . -5.46 0.89 8.17
C5 SAH B . -5.10 2.15 7.79
C6 SAH B . -5.79 3.29 7.44
N6 SAH B . -7.12 3.36 7.39
N1 SAH B . -5.06 4.41 7.10
C2 SAH B . -3.67 4.42 7.09
N3 SAH B . -3.00 3.30 7.47
C4 SAH B . -3.70 2.19 7.80
C1 B3P C . 0.34 20.18 -0.22
C2 B3P C . 0.03 19.35 1.02
C3 B3P C . 0.99 19.29 -1.26
N1 B3P C . 1.07 20.00 -2.52
C4 B3P C . 1.43 19.31 -3.76
C5 B3P C . 0.31 18.39 -4.25
C6 B3P C . 2.70 18.50 -3.54
C7 B3P C . 1.64 20.41 -4.79
N2 B3P C . -0.50 20.19 2.08
C8 B3P C . -0.96 19.55 3.31
C9 B3P C . -2.10 18.58 2.96
C10 B3P C . 0.17 18.71 3.93
C11 B3P C . -1.46 20.65 4.27
O1 B3P C . -3.13 19.25 2.22
O2 B3P C . 1.43 19.40 3.86
O3 B3P C . -2.01 20.05 5.45
O4 B3P C . -0.93 19.09 -4.36
O5 B3P C . 3.71 19.28 -2.87
O6 B3P C . 2.02 19.80 -6.03
#